data_6PFP
#
_entry.id   6PFP
#
_cell.length_a   37.107
_cell.length_b   59.304
_cell.length_c   86.548
_cell.angle_alpha   81.790
_cell.angle_beta   86.420
_cell.angle_gamma   89.970
#
_symmetry.space_group_name_H-M   'P 1'
#
loop_
_entity.id
_entity.type
_entity.pdbx_description
1 polymer 'Myosin-7  fused to GP7 and EB1'
2 non-polymer (4S)-2-METHYL-2,4-PENTANEDIOL
3 non-polymer 'SULFATE ION'
4 water water
#
_entity_poly.entity_id   1
_entity_poly.type   'polypeptide(L)'
_entity_poly.pdbx_seq_one_letter_code
;GGSGPLKPEEHEDILNKLLDPELAQSERTEALQQLRVNYGSFVSEYNDLTKEARSLSTELFKLKNAYEESLEHLETFKRE
NKNLQEEISDLTEQLGSSGKTIHELEKVRKQLEAEVEDLEKERDFYFGKLRNIELICQENEGENDPVLQRIVDILYATDE
GFVIPD
;
_entity_poly.pdbx_strand_id   A,B,C,D
#
# COMPACT_ATOMS: atom_id res chain seq x y z
N PRO A 5 -76.21 74.98 59.81
CA PRO A 5 -76.25 75.93 60.92
C PRO A 5 -76.65 77.32 60.46
N LEU A 6 -77.16 78.14 61.36
CA LEU A 6 -77.75 79.41 60.96
C LEU A 6 -76.69 80.49 60.76
N LYS A 7 -77.02 81.44 59.89
CA LYS A 7 -76.13 82.53 59.54
C LYS A 7 -75.94 83.48 60.73
N PRO A 8 -74.82 84.21 60.77
CA PRO A 8 -74.56 85.10 61.91
C PRO A 8 -75.68 86.09 62.19
N GLU A 9 -76.45 86.50 61.18
CA GLU A 9 -77.55 87.43 61.43
C GLU A 9 -78.71 86.77 62.16
N GLU A 10 -79.06 85.53 61.77
CA GLU A 10 -80.10 84.80 62.47
C GLU A 10 -79.69 84.50 63.90
N HIS A 11 -78.41 84.18 64.12
CA HIS A 11 -77.91 84.01 65.48
C HIS A 11 -78.05 85.31 66.27
N GLU A 12 -77.66 86.42 65.66
CA GLU A 12 -77.80 87.72 66.30
C GLU A 12 -79.24 87.99 66.67
N ASP A 13 -80.17 87.67 65.77
CA ASP A 13 -81.57 88.01 66.00
C ASP A 13 -82.13 87.25 67.20
N ILE A 14 -81.59 86.06 67.48
CA ILE A 14 -82.00 85.30 68.65
C ILE A 14 -81.37 85.89 69.91
N LEU A 15 -80.13 86.37 69.81
CA LEU A 15 -79.55 87.08 70.95
C LEU A 15 -80.33 88.35 71.27
N ASN A 16 -80.84 89.05 70.25
CA ASN A 16 -81.58 90.28 70.49
C ASN A 16 -82.89 90.02 71.22
N LYS A 17 -83.53 88.88 70.99
CA LYS A 17 -84.72 88.54 71.76
C LYS A 17 -84.37 88.25 73.22
N LEU A 18 -83.27 87.54 73.44
CA LEU A 18 -82.91 87.15 74.80
C LEU A 18 -82.44 88.32 75.66
N LEU A 19 -82.01 89.43 75.04
CA LEU A 19 -81.55 90.58 75.81
C LEU A 19 -82.62 91.08 76.78
N ASP A 20 -83.90 90.82 76.47
CA ASP A 20 -85.01 91.35 77.25
C ASP A 20 -85.38 90.35 78.34
N PRO A 21 -85.13 90.66 79.63
CA PRO A 21 -85.59 89.76 80.70
C PRO A 21 -87.11 89.66 80.83
N GLU A 22 -87.86 90.50 80.13
CA GLU A 22 -89.33 90.46 80.15
C GLU A 22 -89.91 89.66 79.00
N LEU A 23 -89.08 89.04 78.17
CA LEU A 23 -89.55 88.17 77.09
C LEU A 23 -90.35 87.00 77.65
N ALA A 24 -91.46 86.67 76.98
CA ALA A 24 -92.37 85.64 77.46
C ALA A 24 -91.63 84.31 77.64
N GLN A 25 -91.94 83.60 78.74
CA GLN A 25 -91.17 82.42 79.13
C GLN A 25 -91.23 81.32 78.08
N SER A 26 -92.35 81.21 77.36
CA SER A 26 -92.42 80.26 76.26
C SER A 26 -91.49 80.65 75.11
N GLU A 27 -91.45 81.94 74.78
CA GLU A 27 -90.57 82.42 73.73
C GLU A 27 -89.11 82.26 74.11
N ARG A 28 -88.78 82.45 75.40
CA ARG A 28 -87.39 82.36 75.82
C ARG A 28 -86.89 80.94 75.78
N THR A 29 -87.70 79.98 76.23
CA THR A 29 -87.30 78.58 76.19
C THR A 29 -87.03 78.11 74.76
N GLU A 30 -87.91 78.49 73.82
CA GLU A 30 -87.72 78.10 72.43
C GLU A 30 -86.46 78.72 71.84
N ALA A 31 -86.23 80.00 72.14
CA ALA A 31 -85.02 80.67 71.66
C ALA A 31 -83.76 79.97 72.17
N LEU A 32 -83.70 79.74 73.48
CA LEU A 32 -82.57 79.03 74.06
C LEU A 32 -82.38 77.67 73.41
N GLN A 33 -83.49 76.96 73.18
CA GLN A 33 -83.37 75.68 72.51
C GLN A 33 -82.91 75.83 71.07
N GLN A 34 -83.26 76.94 70.40
CA GLN A 34 -82.74 77.17 69.06
C GLN A 34 -81.21 77.26 69.07
N LEU A 35 -80.66 78.03 70.02
CA LEU A 35 -79.21 78.16 70.12
C LEU A 35 -78.55 76.86 70.55
N ARG A 36 -79.25 76.06 71.35
CA ARG A 36 -78.72 74.78 71.83
C ARG A 36 -78.57 73.81 70.67
N VAL A 37 -79.67 73.54 69.96
CA VAL A 37 -79.62 72.61 68.83
C VAL A 37 -78.63 73.10 67.79
N ASN A 38 -78.69 74.39 67.47
CA ASN A 38 -77.80 74.93 66.46
C ASN A 38 -76.34 74.70 66.86
N TYR A 39 -75.99 74.92 68.13
CA TYR A 39 -74.60 74.81 68.52
C TYR A 39 -74.11 73.37 68.42
N GLY A 40 -74.91 72.41 68.88
CA GLY A 40 -74.50 71.02 68.81
C GLY A 40 -74.30 70.54 67.39
N SER A 41 -75.17 70.96 66.47
CA SER A 41 -75.04 70.52 65.09
C SER A 41 -73.87 71.22 64.40
N PHE A 42 -73.62 72.48 64.74
CA PHE A 42 -72.44 73.16 64.23
C PHE A 42 -71.16 72.46 64.68
N VAL A 43 -71.09 72.05 65.95
CA VAL A 43 -69.93 71.33 66.42
C VAL A 43 -69.82 69.99 65.72
N SER A 44 -70.96 69.36 65.41
CA SER A 44 -70.94 68.13 64.63
C SER A 44 -70.32 68.36 63.26
N GLU A 45 -70.88 69.31 62.50
CA GLU A 45 -70.34 69.58 61.18
C GLU A 45 -68.88 70.01 61.24
N TYR A 46 -68.46 70.64 62.34
CA TYR A 46 -67.06 70.96 62.48
C TYR A 46 -66.22 69.72 62.69
N ASN A 47 -66.72 68.78 63.50
CA ASN A 47 -65.93 67.58 63.78
C ASN A 47 -65.95 66.61 62.61
N ASP A 48 -67.07 66.52 61.88
CA ASP A 48 -67.05 65.77 60.62
C ASP A 48 -65.98 66.28 59.69
N LEU A 49 -65.86 67.61 59.58
CA LEU A 49 -64.90 68.18 58.66
C LEU A 49 -63.46 67.99 59.12
N THR A 50 -63.21 68.05 60.44
CA THR A 50 -61.86 67.81 60.94
C THR A 50 -61.39 66.40 60.63
N LYS A 51 -62.23 65.39 60.89
CA LYS A 51 -61.86 64.02 60.55
C LYS A 51 -61.83 63.81 59.04
N GLU A 52 -62.65 64.57 58.30
CA GLU A 52 -62.56 64.56 56.84
C GLU A 52 -61.24 65.17 56.37
N ALA A 53 -60.79 66.22 57.04
CA ALA A 53 -59.50 66.81 56.69
C ALA A 53 -58.36 65.84 56.95
N ARG A 54 -58.28 65.33 58.18
CA ARG A 54 -57.20 64.39 58.53
C ARG A 54 -57.28 63.09 57.73
N SER A 55 -58.44 62.74 57.20
CA SER A 55 -58.53 61.64 56.24
C SER A 55 -57.67 61.93 55.01
N LEU A 56 -57.90 63.07 54.37
CA LEU A 56 -57.15 63.43 53.18
C LEU A 56 -55.70 63.76 53.48
N SER A 57 -55.37 64.14 54.72
CA SER A 57 -53.98 64.33 55.11
C SER A 57 -53.25 63.01 55.28
N THR A 58 -53.97 61.91 55.48
CA THR A 58 -53.36 60.58 55.51
C THR A 58 -53.24 60.00 54.12
N GLU A 59 -54.30 60.09 53.31
CA GLU A 59 -54.24 59.64 51.92
C GLU A 59 -53.13 60.38 51.18
N LEU A 60 -53.05 61.69 51.35
CA LEU A 60 -51.94 62.44 50.79
C LEU A 60 -50.61 61.90 51.31
N PHE A 61 -50.56 61.49 52.58
CA PHE A 61 -49.32 60.95 53.13
C PHE A 61 -48.96 59.63 52.48
N LYS A 62 -49.90 58.69 52.43
CA LYS A 62 -49.65 57.42 51.75
C LYS A 62 -49.26 57.64 50.30
N LEU A 63 -49.96 58.52 49.60
CA LEU A 63 -49.68 58.75 48.18
C LEU A 63 -48.29 59.35 47.99
N LYS A 64 -47.95 60.37 48.81
CA LYS A 64 -46.59 60.90 48.77
C LYS A 64 -45.56 59.78 48.92
N ASN A 65 -45.75 58.90 49.90
CA ASN A 65 -44.83 57.79 50.08
C ASN A 65 -44.79 56.90 48.84
N ALA A 66 -45.97 56.53 48.33
CA ALA A 66 -46.02 55.68 47.13
C ALA A 66 -45.31 56.33 45.96
N TYR A 67 -45.56 57.61 45.74
CA TYR A 67 -44.92 58.35 44.65
C TYR A 67 -43.40 58.36 44.80
N GLU A 68 -42.91 58.57 46.03
CA GLU A 68 -41.46 58.55 46.22
C GLU A 68 -40.89 57.14 46.04
N GLU A 69 -41.59 56.13 46.55
CA GLU A 69 -41.19 54.75 46.26
C GLU A 69 -41.13 54.51 44.75
N SER A 70 -42.07 55.11 44.01
CA SER A 70 -42.08 54.99 42.55
C SER A 70 -40.84 55.63 41.96
N LEU A 71 -40.45 56.80 42.46
CA LEU A 71 -39.23 57.46 42.00
C LEU A 71 -38.00 56.61 42.28
N GLU A 72 -37.93 56.03 43.48
CA GLU A 72 -36.76 55.25 43.85
C GLU A 72 -36.67 53.96 43.05
N HIS A 73 -37.81 53.34 42.74
CA HIS A 73 -37.80 52.18 41.85
C HIS A 73 -37.29 52.56 40.48
N LEU A 74 -37.58 53.78 40.03
CA LEU A 74 -37.08 54.22 38.74
C LEU A 74 -35.57 54.45 38.76
N GLU A 75 -35.03 54.93 39.88
CA GLU A 75 -33.59 55.08 40.00
C GLU A 75 -32.90 53.72 40.09
N THR A 76 -33.57 52.72 40.66
CA THR A 76 -32.96 51.41 40.74
C THR A 76 -32.86 50.78 39.36
N PHE A 77 -33.95 50.84 38.58
CA PHE A 77 -33.91 50.33 37.22
C PHE A 77 -32.94 51.10 36.33
N LYS A 78 -32.89 52.44 36.48
CA LYS A 78 -31.93 53.21 35.68
C LYS A 78 -30.51 52.73 35.90
N ARG A 79 -30.09 52.67 37.17
CA ARG A 79 -28.76 52.20 37.52
C ARG A 79 -28.54 50.77 37.06
N GLU A 80 -29.58 49.94 37.13
CA GLU A 80 -29.44 48.55 36.70
C GLU A 80 -29.30 48.44 35.19
N ASN A 81 -30.02 49.30 34.44
CA ASN A 81 -30.01 49.19 32.99
C ASN A 81 -28.66 49.60 32.41
N LYS A 82 -28.06 50.66 32.96
CA LYS A 82 -26.68 50.99 32.59
C LYS A 82 -25.72 49.86 32.93
N ASN A 83 -25.98 49.15 34.03
CA ASN A 83 -25.10 48.05 34.40
C ASN A 83 -25.26 46.86 33.45
N LEU A 84 -26.50 46.55 33.08
CA LEU A 84 -26.75 45.53 32.08
C LEU A 84 -26.11 45.90 30.75
N GLN A 85 -26.31 47.16 30.33
CA GLN A 85 -25.83 47.59 29.02
C GLN A 85 -24.32 47.56 28.96
N GLU A 86 -23.64 47.88 30.06
CA GLU A 86 -22.19 47.73 30.08
C GLU A 86 -21.80 46.26 30.09
N GLU A 87 -22.64 45.39 30.69
CA GLU A 87 -22.37 43.97 30.65
C GLU A 87 -22.49 43.43 29.22
N ILE A 88 -23.43 43.99 28.45
CA ILE A 88 -23.60 43.52 27.08
C ILE A 88 -22.37 43.85 26.24
N SER A 89 -21.83 45.06 26.39
CA SER A 89 -20.63 45.40 25.63
C SER A 89 -19.46 44.51 26.03
N ASP A 90 -19.37 44.11 27.31
CA ASP A 90 -18.33 43.17 27.71
C ASP A 90 -18.56 41.79 27.10
N LEU A 91 -19.78 41.25 27.24
CA LEU A 91 -20.10 39.97 26.62
C LEU A 91 -19.85 40.00 25.13
N THR A 92 -20.11 41.15 24.49
CA THR A 92 -19.98 41.24 23.04
C THR A 92 -18.52 41.19 22.62
N GLU A 93 -17.63 41.83 23.39
CA GLU A 93 -16.20 41.70 23.12
C GLU A 93 -15.74 40.27 23.32
N GLN A 94 -16.23 39.63 24.39
CA GLN A 94 -15.86 38.24 24.65
C GLN A 94 -16.25 37.37 23.46
N LEU A 95 -17.47 37.56 22.96
CA LEU A 95 -17.94 36.78 21.82
C LEU A 95 -17.18 37.16 20.54
N GLY A 96 -16.85 38.44 20.37
CA GLY A 96 -16.06 38.84 19.21
C GLY A 96 -14.70 38.17 19.16
N SER A 97 -14.01 38.12 20.29
CA SER A 97 -12.72 37.43 20.31
C SER A 97 -12.91 35.92 20.16
N SER A 98 -14.00 35.41 20.74
CA SER A 98 -14.36 33.99 20.59
C SER A 98 -14.47 33.62 19.12
N GLY A 99 -15.07 34.48 18.30
CA GLY A 99 -15.17 34.21 16.89
C GLY A 99 -13.84 34.30 16.19
N LYS A 100 -12.95 35.15 16.71
CA LYS A 100 -11.62 35.25 16.14
C LYS A 100 -10.82 33.99 16.42
N THR A 101 -10.97 33.44 17.63
CA THR A 101 -10.33 32.17 17.93
C THR A 101 -10.81 31.09 16.99
N ILE A 102 -12.11 31.08 16.66
CA ILE A 102 -12.61 30.05 15.74
C ILE A 102 -11.96 30.22 14.36
N HIS A 103 -11.92 31.45 13.84
CA HIS A 103 -11.31 31.69 12.53
C HIS A 103 -9.83 31.32 12.52
N GLU A 104 -9.10 31.65 13.58
CA GLU A 104 -7.69 31.27 13.64
C GLU A 104 -7.54 29.74 13.68
N LEU A 105 -8.36 29.07 14.49
CA LEU A 105 -8.26 27.61 14.59
C LEU A 105 -8.69 26.94 13.29
N GLU A 106 -9.54 27.60 12.49
CA GLU A 106 -9.90 27.04 11.19
C GLU A 106 -8.77 27.18 10.18
N LYS A 107 -8.08 28.33 10.17
CA LYS A 107 -6.92 28.46 9.31
C LYS A 107 -5.85 27.43 9.69
N VAL A 108 -5.61 27.26 10.99
CA VAL A 108 -4.65 26.27 11.46
C VAL A 108 -5.04 24.87 11.02
N ARG A 109 -6.33 24.53 11.12
CA ARG A 109 -6.79 23.22 10.70
C ARG A 109 -6.45 22.97 9.23
N LYS A 110 -6.76 23.94 8.36
CA LYS A 110 -6.46 23.78 6.94
C LYS A 110 -4.97 23.62 6.69
N GLN A 111 -4.14 24.46 7.33
CA GLN A 111 -2.70 24.34 7.16
C GLN A 111 -2.19 22.99 7.63
N LEU A 112 -2.67 22.51 8.77
CA LEU A 112 -2.17 21.23 9.25
C LEU A 112 -2.64 20.07 8.36
N GLU A 113 -3.84 20.15 7.80
CA GLU A 113 -4.29 19.08 6.90
C GLU A 113 -3.47 19.07 5.62
N ALA A 114 -3.12 20.26 5.10
CA ALA A 114 -2.26 20.34 3.94
C ALA A 114 -0.85 19.79 4.25
N GLU A 115 -0.35 20.03 5.46
CA GLU A 115 0.97 19.53 5.82
C GLU A 115 0.96 18.01 5.96
N VAL A 116 -0.13 17.46 6.53
CA VAL A 116 -0.29 16.01 6.61
C VAL A 116 -0.25 15.39 5.22
N GLU A 117 -0.96 16.00 4.25
CA GLU A 117 -0.95 15.53 2.87
C GLU A 117 0.46 15.54 2.29
N ASP A 118 1.17 16.67 2.45
CA ASP A 118 2.50 16.77 1.87
C ASP A 118 3.43 15.71 2.45
N LEU A 119 3.36 15.49 3.77
CA LEU A 119 4.22 14.51 4.42
C LEU A 119 3.88 13.10 4.00
N GLU A 120 2.61 12.82 3.73
CA GLU A 120 2.26 11.50 3.19
C GLU A 120 2.86 11.29 1.81
N LYS A 121 2.81 12.29 0.95
CA LYS A 121 3.44 12.19 -0.36
C LYS A 121 4.95 11.97 -0.23
N GLU A 122 5.61 12.77 0.61
CA GLU A 122 7.07 12.65 0.72
C GLU A 122 7.46 11.32 1.36
N ARG A 123 6.69 10.87 2.34
CA ARG A 123 6.93 9.57 2.92
C ARG A 123 6.75 8.47 1.87
N ASP A 124 5.69 8.56 1.06
CA ASP A 124 5.49 7.52 0.04
C ASP A 124 6.63 7.52 -0.97
N PHE A 125 7.19 8.69 -1.25
CA PHE A 125 8.27 8.79 -2.23
C PHE A 125 9.53 8.05 -1.75
N TYR A 126 9.98 8.33 -0.53
CA TYR A 126 11.14 7.61 -0.01
C TYR A 126 10.83 6.15 0.20
N PHE A 127 9.61 5.83 0.66
CA PHE A 127 9.27 4.44 0.87
C PHE A 127 9.28 3.68 -0.44
N GLY A 128 8.77 4.32 -1.50
CA GLY A 128 8.78 3.68 -2.81
C GLY A 128 10.19 3.33 -3.25
N LYS A 129 11.17 4.20 -2.95
CA LYS A 129 12.56 3.88 -3.29
C LYS A 129 13.05 2.69 -2.48
N LEU A 130 12.80 2.69 -1.17
CA LEU A 130 13.20 1.55 -0.34
C LEU A 130 12.58 0.27 -0.87
N ARG A 131 11.34 0.34 -1.33
CA ARG A 131 10.68 -0.86 -1.86
C ARG A 131 11.36 -1.35 -3.11
N ASN A 132 11.70 -0.44 -4.01
CA ASN A 132 12.41 -0.84 -5.21
C ASN A 132 13.74 -1.49 -4.87
N ILE A 133 14.39 -1.04 -3.78
CA ILE A 133 15.68 -1.58 -3.39
C ILE A 133 15.52 -2.95 -2.75
N GLU A 134 14.51 -3.11 -1.91
CA GLU A 134 14.15 -4.44 -1.41
C GLU A 134 13.90 -5.41 -2.56
N LEU A 135 13.18 -4.97 -3.59
CA LEU A 135 12.92 -5.86 -4.73
C LEU A 135 14.21 -6.27 -5.42
N ILE A 136 15.13 -5.32 -5.61
CA ILE A 136 16.42 -5.66 -6.22
C ILE A 136 17.19 -6.66 -5.35
N CYS A 137 17.18 -6.47 -4.04
CA CYS A 137 17.90 -7.37 -3.16
C CYS A 137 17.24 -8.73 -3.15
N GLN A 138 15.90 -8.75 -3.21
CA GLN A 138 15.19 -10.00 -3.30
C GLN A 138 15.56 -10.74 -4.58
N GLU A 139 15.53 -10.05 -5.71
CA GLU A 139 15.83 -10.70 -6.98
C GLU A 139 17.27 -11.21 -7.05
N ASN A 140 18.17 -10.69 -6.22
CA ASN A 140 19.57 -11.06 -6.28
C ASN A 140 20.02 -11.80 -5.03
N GLU A 141 19.07 -12.36 -4.28
CA GLU A 141 19.37 -13.26 -3.17
C GLU A 141 20.33 -14.37 -3.57
N GLY A 142 20.10 -14.98 -4.73
CA GLY A 142 20.93 -16.08 -5.18
C GLY A 142 22.41 -15.76 -5.24
N GLU A 143 22.75 -14.47 -5.39
CA GLU A 143 24.17 -14.10 -5.45
C GLU A 143 24.90 -14.26 -4.12
N ASN A 144 24.18 -14.37 -3.00
CA ASN A 144 24.84 -14.43 -1.68
CA ASN A 144 24.82 -14.42 -1.67
C ASN A 144 25.83 -13.29 -1.52
N ASP A 145 25.43 -12.09 -1.94
CA ASP A 145 26.36 -10.95 -1.98
C ASP A 145 26.38 -10.22 -0.63
N PRO A 146 27.53 -10.17 0.06
CA PRO A 146 27.54 -9.52 1.39
C PRO A 146 27.23 -8.04 1.34
N VAL A 147 27.45 -7.36 0.21
CA VAL A 147 27.10 -5.95 0.12
C VAL A 147 25.58 -5.79 0.14
N LEU A 148 24.89 -6.59 -0.68
CA LEU A 148 23.43 -6.59 -0.67
C LEU A 148 22.88 -6.99 0.70
N GLN A 149 23.53 -7.94 1.36
CA GLN A 149 23.10 -8.35 2.70
C GLN A 149 23.18 -7.19 3.68
N ARG A 150 24.22 -6.36 3.56
CA ARG A 150 24.29 -5.19 4.42
C ARG A 150 23.20 -4.16 4.08
N ILE A 151 22.82 -4.06 2.80
CA ILE A 151 21.72 -3.17 2.44
C ILE A 151 20.40 -3.70 3.00
N VAL A 152 20.26 -5.03 3.06
CA VAL A 152 19.05 -5.65 3.62
C VAL A 152 18.96 -5.36 5.11
N ASP A 153 20.09 -5.45 5.80
CA ASP A 153 20.14 -5.09 7.22
C ASP A 153 19.66 -3.68 7.47
N ILE A 154 19.95 -2.75 6.56
CA ILE A 154 19.45 -1.38 6.73
C ILE A 154 17.95 -1.29 6.45
N LEU A 155 17.49 -1.92 5.37
CA LEU A 155 16.07 -1.88 5.04
C LEU A 155 15.19 -2.29 6.22
N TYR A 156 15.62 -3.31 6.98
CA TYR A 156 14.81 -3.87 8.04
C TYR A 156 15.23 -3.42 9.44
N ALA A 157 16.18 -2.51 9.57
CA ALA A 157 16.55 -2.05 10.91
C ALA A 157 15.38 -1.28 11.52
N THR A 158 15.29 -1.32 12.84
CA THR A 158 14.19 -0.69 13.56
C THR A 158 14.61 0.63 14.18
N ASP A 159 13.61 1.50 14.39
CA ASP A 159 13.86 2.89 14.77
C ASP A 159 14.55 3.01 16.12
N GLU A 160 14.26 2.10 17.05
CA GLU A 160 14.90 2.13 18.36
C GLU A 160 16.36 1.72 18.25
N GLY B 4 -59.70 76.81 71.46
CA GLY B 4 -60.36 77.61 70.44
C GLY B 4 -61.69 78.17 70.89
N PRO B 5 -62.78 77.79 70.19
CA PRO B 5 -64.13 78.26 70.55
C PRO B 5 -64.64 77.71 71.87
N LEU B 6 -65.95 77.61 72.02
CA LEU B 6 -66.59 77.14 73.23
C LEU B 6 -67.03 75.73 73.14
N LYS B 7 -66.79 74.96 74.19
CA LYS B 7 -67.23 73.59 74.11
C LYS B 7 -68.70 73.56 74.40
N PRO B 8 -69.35 72.57 73.92
CA PRO B 8 -70.77 72.38 74.04
C PRO B 8 -71.31 72.50 75.46
N GLU B 9 -70.61 71.96 76.43
CA GLU B 9 -71.05 72.07 77.80
C GLU B 9 -70.83 73.43 78.34
N GLU B 10 -69.88 74.19 77.82
CA GLU B 10 -69.65 75.56 78.25
C GLU B 10 -70.75 76.43 77.66
N HIS B 11 -71.00 76.30 76.38
CA HIS B 11 -72.12 76.99 75.75
C HIS B 11 -73.40 76.80 76.54
N GLU B 12 -73.68 75.55 76.91
CA GLU B 12 -74.88 75.23 77.70
C GLU B 12 -74.89 75.95 79.03
N ASP B 13 -73.71 76.15 79.61
CA ASP B 13 -73.63 76.86 80.89
C ASP B 13 -74.17 78.27 80.77
N ILE B 14 -73.94 78.92 79.62
CA ILE B 14 -74.44 80.27 79.41
C ILE B 14 -75.95 80.28 79.23
N LEU B 15 -76.47 79.36 78.39
CA LEU B 15 -77.91 79.23 78.20
C LEU B 15 -78.65 79.12 79.52
N ASN B 16 -78.08 78.34 80.46
CA ASN B 16 -78.68 78.22 81.79
C ASN B 16 -78.79 79.58 82.46
N LYS B 17 -77.71 80.37 82.43
CA LYS B 17 -77.76 81.72 83.01
C LYS B 17 -78.86 82.55 82.36
N LEU B 18 -78.99 82.46 81.04
CA LEU B 18 -79.94 83.31 80.33
C LEU B 18 -81.38 82.89 80.56
N LEU B 19 -81.63 81.71 81.12
CA LEU B 19 -83.00 81.25 81.33
C LEU B 19 -83.69 82.10 82.39
N ASP B 20 -83.03 82.34 83.51
CA ASP B 20 -83.64 83.06 84.64
C ASP B 20 -83.98 84.49 84.24
N PRO B 21 -85.26 84.87 84.21
CA PRO B 21 -85.62 86.21 83.73
C PRO B 21 -85.25 87.32 84.70
N GLU B 22 -84.58 87.02 85.81
CA GLU B 22 -84.24 88.03 86.80
C GLU B 22 -82.87 87.75 87.41
N LEU B 23 -81.89 87.45 86.55
CA LEU B 23 -80.49 87.50 86.95
C LEU B 23 -79.89 88.82 86.48
N ALA B 24 -78.67 89.09 86.96
CA ALA B 24 -77.99 90.37 86.71
C ALA B 24 -78.02 90.74 85.23
N GLN B 25 -78.64 91.89 84.94
CA GLN B 25 -78.75 92.39 83.57
C GLN B 25 -77.37 92.64 82.96
N SER B 26 -76.44 93.17 83.76
CA SER B 26 -75.05 93.31 83.32
C SER B 26 -74.48 91.98 82.86
N GLU B 27 -74.77 90.91 83.61
CA GLU B 27 -74.30 89.58 83.26
C GLU B 27 -75.09 88.98 82.10
N ARG B 28 -76.33 89.41 81.92
CA ARG B 28 -77.13 89.00 80.76
C ARG B 28 -76.49 89.48 79.46
N THR B 29 -76.32 90.80 79.33
CA THR B 29 -75.69 91.37 78.16
C THR B 29 -74.27 90.86 77.98
N GLU B 30 -73.55 90.62 79.09
CA GLU B 30 -72.22 90.04 79.00
C GLU B 30 -72.27 88.61 78.48
N ALA B 31 -73.32 87.87 78.87
CA ALA B 31 -73.46 86.50 78.38
C ALA B 31 -73.75 86.47 76.88
N LEU B 32 -74.51 87.44 76.37
CA LEU B 32 -74.85 87.48 74.96
C LEU B 32 -73.62 87.82 74.12
N GLN B 33 -72.82 88.80 74.54
CA GLN B 33 -71.59 89.12 73.83
C GLN B 33 -70.65 87.92 73.78
N GLN B 34 -70.61 87.09 74.83
CA GLN B 34 -69.83 85.86 74.76
C GLN B 34 -70.34 84.94 73.67
N LEU B 35 -71.67 84.76 73.59
CA LEU B 35 -72.26 83.92 72.56
C LEU B 35 -72.01 84.49 71.17
N ARG B 36 -72.10 85.81 71.04
CA ARG B 36 -71.86 86.48 69.78
C ARG B 36 -70.41 86.32 69.33
N VAL B 37 -69.46 86.67 70.21
CA VAL B 37 -68.06 86.56 69.84
C VAL B 37 -67.69 85.11 69.59
N ASN B 38 -68.26 84.19 70.36
CA ASN B 38 -68.00 82.78 70.10
C ASN B 38 -68.45 82.37 68.71
N TYR B 39 -69.67 82.78 68.33
CA TYR B 39 -70.22 82.34 67.06
C TYR B 39 -69.40 82.86 65.87
N GLY B 40 -68.87 84.09 65.98
CA GLY B 40 -68.01 84.60 64.93
C GLY B 40 -66.70 83.83 64.79
N SER B 41 -66.10 83.44 65.92
CA SER B 41 -64.90 82.61 65.88
C SER B 41 -65.18 81.23 65.28
N PHE B 42 -66.32 80.62 65.64
CA PHE B 42 -66.61 79.29 65.14
C PHE B 42 -66.86 79.29 63.65
N VAL B 43 -67.43 80.37 63.12
CA VAL B 43 -67.58 80.51 61.68
C VAL B 43 -66.20 80.69 61.03
N SER B 44 -65.32 81.48 61.64
CA SER B 44 -64.00 81.67 61.05
C SER B 44 -63.18 80.38 61.13
N GLU B 45 -63.30 79.64 62.23
CA GLU B 45 -62.62 78.35 62.34
C GLU B 45 -63.11 77.38 61.26
N TYR B 46 -64.43 77.26 61.12
CA TYR B 46 -64.99 76.37 60.10
C TYR B 46 -64.54 76.78 58.71
N ASN B 47 -64.59 78.09 58.41
CA ASN B 47 -64.15 78.59 57.11
C ASN B 47 -62.69 78.20 56.83
N ASP B 48 -61.80 78.53 57.76
CA ASP B 48 -60.41 78.13 57.63
C ASP B 48 -60.28 76.64 57.34
N LEU B 49 -61.05 75.82 58.06
CA LEU B 49 -60.98 74.37 57.85
C LEU B 49 -61.50 73.97 56.48
N THR B 50 -62.39 74.78 55.89
CA THR B 50 -62.87 74.47 54.55
C THR B 50 -61.85 74.87 53.50
N LYS B 51 -61.15 75.99 53.71
CA LYS B 51 -60.04 76.35 52.82
C LYS B 51 -58.93 75.32 52.90
N GLU B 52 -58.73 74.70 54.07
CA GLU B 52 -57.67 73.72 54.21
C GLU B 52 -58.00 72.42 53.48
N ALA B 53 -59.24 71.93 53.61
CA ALA B 53 -59.62 70.71 52.90
C ALA B 53 -59.60 70.91 51.39
N ARG B 54 -60.04 72.07 50.91
CA ARG B 54 -59.99 72.33 49.46
C ARG B 54 -58.56 72.27 48.93
N SER B 55 -57.63 72.92 49.65
CA SER B 55 -56.25 72.91 49.20
C SER B 55 -55.64 71.53 49.30
N LEU B 56 -56.08 70.72 50.27
CA LEU B 56 -55.62 69.33 50.33
C LEU B 56 -56.10 68.55 49.12
N SER B 57 -57.35 68.78 48.69
CA SER B 57 -57.84 68.10 47.51
C SER B 57 -57.08 68.51 46.25
N THR B 58 -56.59 69.76 46.21
CA THR B 58 -55.80 70.20 45.06
C THR B 58 -54.41 69.59 45.07
N GLU B 59 -53.79 69.46 46.25
CA GLU B 59 -52.51 68.77 46.34
C GLU B 59 -52.64 67.33 45.88
N LEU B 60 -53.72 66.67 46.27
CA LEU B 60 -54.00 65.29 45.88
C LEU B 60 -53.89 65.12 44.38
N PHE B 61 -54.83 65.68 43.63
CA PHE B 61 -54.85 65.41 42.21
C PHE B 61 -53.70 66.09 41.47
N LYS B 62 -52.99 67.03 42.11
CA LYS B 62 -51.70 67.44 41.56
C LYS B 62 -50.65 66.37 41.78
N LEU B 63 -50.71 65.66 42.90
CA LEU B 63 -49.85 64.50 43.11
C LEU B 63 -50.32 63.27 42.33
N LYS B 64 -51.61 63.20 42.00
CA LYS B 64 -52.08 62.10 41.15
C LYS B 64 -51.54 62.21 39.73
N ASN B 65 -51.42 63.44 39.22
CA ASN B 65 -50.80 63.64 37.92
C ASN B 65 -49.34 63.20 37.93
N ALA B 66 -48.66 63.40 39.06
CA ALA B 66 -47.26 63.02 39.16
C ALA B 66 -47.11 61.51 39.28
N TYR B 67 -47.96 60.88 40.10
CA TYR B 67 -47.91 59.43 40.30
C TYR B 67 -48.09 58.68 38.99
N GLU B 68 -49.01 59.15 38.14
CA GLU B 68 -49.24 58.45 36.87
C GLU B 68 -48.09 58.67 35.90
N GLU B 69 -47.46 59.84 35.93
CA GLU B 69 -46.26 60.03 35.11
C GLU B 69 -45.12 59.15 35.59
N SER B 70 -45.02 58.91 36.90
CA SER B 70 -43.95 58.06 37.43
C SER B 70 -44.24 56.58 37.21
N LEU B 71 -45.50 56.15 37.42
CA LEU B 71 -45.88 54.78 37.12
C LEU B 71 -45.73 54.45 35.65
N GLU B 72 -45.77 55.47 34.80
CA GLU B 72 -45.60 55.26 33.35
C GLU B 72 -44.11 55.19 33.09
N HIS B 73 -43.36 56.08 33.72
CA HIS B 73 -41.89 56.14 33.56
C HIS B 73 -41.27 54.82 34.05
N LEU B 74 -41.72 54.36 35.22
CA LEU B 74 -41.20 53.14 35.83
C LEU B 74 -41.51 51.94 34.93
N GLU B 75 -42.67 51.95 34.28
CA GLU B 75 -42.98 50.81 33.43
C GLU B 75 -42.11 50.73 32.20
N THR B 76 -41.66 51.88 31.68
CA THR B 76 -40.83 51.84 30.47
C THR B 76 -39.42 51.37 30.80
N PHE B 77 -38.95 51.59 32.02
CA PHE B 77 -37.66 51.07 32.41
C PHE B 77 -37.75 49.58 32.74
N LYS B 78 -38.87 49.16 33.35
CA LYS B 78 -39.13 47.74 33.53
C LYS B 78 -39.05 46.99 32.21
N ARG B 79 -39.61 47.56 31.13
CA ARG B 79 -39.54 46.92 29.82
C ARG B 79 -38.12 46.91 29.28
N GLU B 80 -37.43 48.06 29.36
CA GLU B 80 -36.03 48.09 28.91
C GLU B 80 -35.17 47.13 29.73
N ASN B 81 -35.45 47.03 31.03
CA ASN B 81 -34.72 46.09 31.88
C ASN B 81 -34.95 44.65 31.40
N LYS B 82 -36.18 44.33 31.02
CA LYS B 82 -36.46 42.99 30.50
C LYS B 82 -35.82 42.78 29.15
N ASN B 83 -35.81 43.80 28.29
CA ASN B 83 -35.15 43.68 27.00
C ASN B 83 -33.65 43.49 27.17
N LEU B 84 -33.03 44.21 28.10
CA LEU B 84 -31.60 44.02 28.31
C LEU B 84 -31.30 42.64 28.89
N GLN B 85 -32.24 42.07 29.63
CA GLN B 85 -32.09 40.72 30.15
C GLN B 85 -32.01 39.71 29.02
N GLU B 86 -33.02 39.72 28.14
CA GLU B 86 -33.04 38.84 26.99
C GLU B 86 -31.81 39.03 26.12
N GLU B 87 -31.30 40.26 26.04
CA GLU B 87 -30.08 40.53 25.29
C GLU B 87 -28.91 39.76 25.87
N ILE B 88 -28.74 39.83 27.19
CA ILE B 88 -27.65 39.12 27.85
C ILE B 88 -27.83 37.63 27.71
N SER B 89 -29.07 37.16 27.86
CA SER B 89 -29.36 35.74 27.70
C SER B 89 -28.90 35.25 26.33
N ASP B 90 -29.19 36.02 25.28
CA ASP B 90 -28.86 35.57 23.93
C ASP B 90 -27.35 35.56 23.68
N LEU B 91 -26.62 36.48 24.30
CA LEU B 91 -25.18 36.50 24.10
C LEU B 91 -24.50 35.35 24.82
N THR B 92 -25.01 34.95 25.99
CA THR B 92 -24.38 33.86 26.71
C THR B 92 -24.70 32.51 26.07
N GLU B 93 -25.86 32.39 25.43
CA GLU B 93 -26.12 31.19 24.63
C GLU B 93 -25.16 31.10 23.46
N GLN B 94 -24.80 32.25 22.88
CA GLN B 94 -23.84 32.23 21.78
C GLN B 94 -22.43 31.95 22.29
N LEU B 95 -22.07 32.48 23.46
CA LEU B 95 -20.78 32.14 24.04
C LEU B 95 -20.69 30.65 24.36
N GLY B 96 -21.81 30.06 24.81
CA GLY B 96 -21.81 28.62 25.03
C GLY B 96 -21.49 27.83 23.77
N SER B 97 -22.19 28.13 22.67
CA SER B 97 -21.95 27.41 21.43
C SER B 97 -20.56 27.71 20.89
N SER B 98 -20.18 28.99 20.81
CA SER B 98 -18.82 29.38 20.41
C SER B 98 -17.77 28.62 21.20
N GLY B 99 -17.92 28.58 22.53
CA GLY B 99 -17.01 27.82 23.35
C GLY B 99 -16.98 26.35 22.98
N LYS B 100 -18.13 25.79 22.64
CA LYS B 100 -18.16 24.37 22.26
C LYS B 100 -17.43 24.14 20.93
N THR B 101 -17.56 25.07 19.99
CA THR B 101 -16.88 24.95 18.68
C THR B 101 -15.37 25.00 18.90
N ILE B 102 -14.91 25.94 19.70
CA ILE B 102 -13.47 26.11 19.99
C ILE B 102 -12.92 24.84 20.60
N HIS B 103 -13.64 24.26 21.53
CA HIS B 103 -13.18 23.04 22.18
C HIS B 103 -13.00 21.92 21.16
N GLU B 104 -13.92 21.81 20.19
CA GLU B 104 -13.78 20.78 19.17
C GLU B 104 -12.62 21.07 18.19
N LEU B 105 -12.46 22.32 17.78
CA LEU B 105 -11.37 22.67 16.89
C LEU B 105 -10.01 22.46 17.55
N GLU B 106 -9.94 22.68 18.87
CA GLU B 106 -8.70 22.46 19.60
C GLU B 106 -8.37 20.99 19.70
N LYS B 107 -9.38 20.14 19.82
CA LYS B 107 -9.13 18.70 19.73
C LYS B 107 -8.62 18.33 18.35
N VAL B 108 -9.24 18.88 17.30
CA VAL B 108 -8.78 18.64 15.93
C VAL B 108 -7.32 19.06 15.77
N ARG B 109 -7.00 20.29 16.21
CA ARG B 109 -5.62 20.78 16.13
C ARG B 109 -4.67 19.84 16.84
N LYS B 110 -5.04 19.40 18.04
CA LYS B 110 -4.18 18.50 18.79
C LYS B 110 -3.97 17.19 18.06
N GLN B 111 -5.04 16.65 17.46
CA GLN B 111 -4.89 15.41 16.71
C GLN B 111 -3.95 15.61 15.53
N LEU B 112 -4.14 16.70 14.78
CA LEU B 112 -3.34 16.94 13.59
C LEU B 112 -1.87 17.14 13.93
N GLU B 113 -1.58 17.77 15.07
CA GLU B 113 -0.18 17.99 15.44
C GLU B 113 0.50 16.68 15.83
N ALA B 114 -0.23 15.77 16.47
CA ALA B 114 0.36 14.46 16.76
C ALA B 114 0.57 13.66 15.48
N GLU B 115 -0.26 13.88 14.46
CA GLU B 115 -0.05 13.16 13.20
C GLU B 115 1.15 13.72 12.45
N VAL B 116 1.31 15.05 12.45
CA VAL B 116 2.46 15.65 11.79
C VAL B 116 3.73 15.18 12.46
N GLU B 117 3.75 15.11 13.79
CA GLU B 117 4.92 14.62 14.49
C GLU B 117 5.27 13.21 14.02
N ASP B 118 4.27 12.32 13.99
CA ASP B 118 4.52 10.95 13.58
C ASP B 118 4.99 10.88 12.14
N LEU B 119 4.36 11.65 11.25
CA LEU B 119 4.69 11.57 9.82
C LEU B 119 6.08 12.13 9.54
N GLU B 120 6.42 13.24 10.19
CA GLU B 120 7.79 13.78 10.16
C GLU B 120 8.81 12.72 10.52
N LYS B 121 8.60 12.06 11.67
CA LYS B 121 9.56 11.06 12.14
C LYS B 121 9.63 9.85 11.22
N GLU B 122 8.51 9.48 10.59
CA GLU B 122 8.55 8.35 9.67
C GLU B 122 9.30 8.71 8.40
N ARG B 123 9.07 9.92 7.89
CA ARG B 123 9.77 10.44 6.72
C ARG B 123 11.29 10.50 6.94
N ASP B 124 11.72 11.04 8.10
CA ASP B 124 13.14 11.06 8.45
C ASP B 124 13.73 9.65 8.48
N PHE B 125 13.01 8.72 9.10
CA PHE B 125 13.45 7.33 9.22
C PHE B 125 13.73 6.72 7.83
N TYR B 126 12.84 6.97 6.86
CA TYR B 126 13.06 6.42 5.52
C TYR B 126 14.22 7.14 4.82
N PHE B 127 14.26 8.46 4.93
CA PHE B 127 15.33 9.24 4.32
C PHE B 127 16.70 8.77 4.83
N GLY B 128 16.82 8.59 6.14
CA GLY B 128 18.09 8.16 6.70
C GLY B 128 18.51 6.78 6.20
N LYS B 129 17.55 5.88 6.02
CA LYS B 129 17.86 4.60 5.40
C LYS B 129 18.45 4.78 4.00
N LEU B 130 17.91 5.72 3.21
CA LEU B 130 18.41 5.93 1.85
C LEU B 130 19.81 6.51 1.86
N ARG B 131 20.05 7.48 2.72
CA ARG B 131 21.41 7.97 2.94
C ARG B 131 22.36 6.83 3.29
N ASN B 132 21.96 5.97 4.24
CA ASN B 132 22.88 4.90 4.67
C ASN B 132 23.16 3.93 3.55
N ILE B 133 22.14 3.62 2.75
CA ILE B 133 22.30 2.71 1.63
C ILE B 133 23.21 3.33 0.57
N GLU B 134 23.08 4.64 0.33
CA GLU B 134 24.01 5.23 -0.62
C GLU B 134 25.46 5.20 -0.13
N LEU B 135 25.69 5.25 1.19
CA LEU B 135 27.07 5.15 1.68
C LEU B 135 27.65 3.77 1.38
N ILE B 136 26.83 2.73 1.47
CA ILE B 136 27.30 1.38 1.18
C ILE B 136 27.55 1.21 -0.31
N CYS B 137 26.70 1.80 -1.15
CA CYS B 137 26.96 1.75 -2.58
C CYS B 137 28.25 2.47 -2.89
N GLN B 138 28.49 3.58 -2.21
CA GLN B 138 29.67 4.40 -2.47
C GLN B 138 30.95 3.71 -2.02
N GLU B 139 30.93 3.10 -0.83
CA GLU B 139 32.08 2.32 -0.39
C GLU B 139 32.49 1.29 -1.45
N ASN B 140 31.53 0.64 -2.10
CA ASN B 140 31.79 -0.50 -2.98
C ASN B 140 31.71 -0.15 -4.45
N GLU B 141 31.85 1.11 -4.84
CA GLU B 141 31.62 1.37 -6.26
C GLU B 141 32.75 0.85 -7.13
N GLY B 142 33.96 0.68 -6.59
CA GLY B 142 35.06 0.18 -7.40
C GLY B 142 34.82 -1.22 -7.93
N GLU B 143 33.86 -1.95 -7.42
CA GLU B 143 33.51 -3.24 -7.94
C GLU B 143 32.81 -3.17 -9.32
N ASN B 144 32.35 -2.02 -9.73
CA ASN B 144 31.59 -1.88 -10.99
C ASN B 144 30.42 -2.88 -11.05
N ASP B 145 29.73 -3.07 -9.94
CA ASP B 145 28.65 -4.06 -9.87
C ASP B 145 27.37 -3.47 -10.45
N PRO B 146 26.84 -4.01 -11.55
CA PRO B 146 25.62 -3.43 -12.13
C PRO B 146 24.41 -3.50 -11.22
N VAL B 147 24.34 -4.47 -10.31
CA VAL B 147 23.22 -4.52 -9.34
C VAL B 147 23.26 -3.29 -8.42
N LEU B 148 24.42 -3.05 -7.80
CA LEU B 148 24.60 -1.83 -7.03
C LEU B 148 24.24 -0.60 -7.84
N GLN B 149 24.66 -0.55 -9.10
CA GLN B 149 24.40 0.65 -9.89
C GLN B 149 22.90 0.84 -10.14
N ARG B 150 22.12 -0.26 -10.17
CA ARG B 150 20.68 -0.11 -10.22
C ARG B 150 20.15 0.48 -8.90
N ILE B 151 20.73 0.07 -7.78
CA ILE B 151 20.31 0.65 -6.51
C ILE B 151 20.64 2.13 -6.49
N VAL B 152 21.84 2.50 -6.98
CA VAL B 152 22.24 3.91 -7.07
C VAL B 152 21.30 4.69 -7.98
N ASP B 153 20.86 4.07 -9.10
CA ASP B 153 19.92 4.75 -9.98
C ASP B 153 18.60 5.06 -9.27
N ILE B 154 18.16 4.16 -8.40
CA ILE B 154 16.92 4.41 -7.64
C ILE B 154 17.15 5.54 -6.64
N LEU B 155 18.26 5.46 -5.91
CA LEU B 155 18.59 6.51 -4.93
C LEU B 155 18.67 7.89 -5.56
N TYR B 156 19.24 8.00 -6.75
CA TYR B 156 19.51 9.32 -7.32
C TYR B 156 18.35 9.90 -8.12
N ALA B 157 17.30 9.13 -8.38
CA ALA B 157 16.21 9.60 -9.22
C ALA B 157 15.42 10.71 -8.52
N THR B 158 15.09 11.76 -9.28
CA THR B 158 14.47 12.96 -8.75
C THR B 158 13.00 13.01 -9.16
N ASP B 159 12.17 13.51 -8.25
CA ASP B 159 10.73 13.62 -8.50
C ASP B 159 10.42 14.64 -9.61
N GLY C 4 51.25 -89.08 -70.21
CA GLY C 4 51.53 -87.67 -70.39
C GLY C 4 52.83 -87.46 -71.12
N PRO C 5 53.89 -87.10 -70.39
CA PRO C 5 55.22 -87.06 -70.99
C PRO C 5 55.87 -88.44 -70.98
N LEU C 6 57.04 -88.55 -70.36
CA LEU C 6 57.72 -89.81 -70.11
C LEU C 6 58.25 -89.84 -68.68
N LYS C 7 57.87 -90.85 -67.91
CA LYS C 7 58.52 -91.06 -66.63
C LYS C 7 59.97 -91.44 -66.88
N PRO C 8 60.88 -91.14 -65.95
CA PRO C 8 62.31 -91.39 -66.20
C PRO C 8 62.62 -92.82 -66.60
N GLU C 9 61.67 -93.73 -66.39
CA GLU C 9 61.84 -95.14 -66.73
C GLU C 9 61.88 -95.32 -68.24
N GLU C 10 60.95 -94.69 -68.96
CA GLU C 10 60.99 -94.75 -70.41
C GLU C 10 62.09 -93.87 -70.98
N HIS C 11 62.37 -92.74 -70.32
CA HIS C 11 63.48 -91.89 -70.75
C HIS C 11 64.80 -92.63 -70.66
N GLU C 12 65.06 -93.27 -69.51
CA GLU C 12 66.27 -94.06 -69.36
C GLU C 12 66.33 -95.19 -70.39
N ASP C 13 65.19 -95.79 -70.71
CA ASP C 13 65.15 -96.87 -71.68
C ASP C 13 65.54 -96.39 -73.07
N ILE C 14 65.12 -95.17 -73.44
CA ILE C 14 65.48 -94.59 -74.73
C ILE C 14 66.98 -94.34 -74.80
N LEU C 15 67.57 -93.81 -73.74
CA LEU C 15 69.01 -93.56 -73.75
C LEU C 15 69.79 -94.87 -73.88
N ASN C 16 69.29 -95.94 -73.26
CA ASN C 16 69.94 -97.24 -73.39
C ASN C 16 69.90 -97.74 -74.83
N LYS C 17 68.76 -97.57 -75.52
CA LYS C 17 68.66 -98.00 -76.90
C LYS C 17 69.59 -97.20 -77.81
N LEU C 18 69.73 -95.89 -77.55
CA LEU C 18 70.53 -95.00 -78.38
C LEU C 18 72.02 -95.29 -78.29
N LEU C 19 72.45 -96.17 -77.38
CA LEU C 19 73.87 -96.48 -77.19
C LEU C 19 74.45 -97.24 -78.38
N ASP C 20 73.62 -97.98 -79.11
CA ASP C 20 74.08 -98.91 -80.13
C ASP C 20 74.33 -98.19 -81.45
N PRO C 21 75.58 -98.10 -81.90
CA PRO C 21 75.83 -97.45 -83.20
C PRO C 21 75.22 -98.20 -84.37
N GLU C 22 75.03 -99.52 -84.23
CA GLU C 22 74.42 -100.33 -85.28
C GLU C 22 72.91 -100.15 -85.37
N LEU C 23 72.30 -99.43 -84.44
CA LEU C 23 70.86 -99.22 -84.47
C LEU C 23 70.43 -98.60 -85.80
N ALA C 24 69.38 -99.18 -86.39
CA ALA C 24 68.84 -98.68 -87.64
C ALA C 24 68.48 -97.20 -87.51
N GLN C 25 68.65 -96.48 -88.62
CA GLN C 25 68.33 -95.06 -88.61
C GLN C 25 66.84 -94.82 -88.38
N SER C 26 65.98 -95.74 -88.81
CA SER C 26 64.55 -95.59 -88.57
C SER C 26 64.23 -95.60 -87.07
N GLU C 27 64.90 -96.49 -86.32
CA GLU C 27 64.68 -96.56 -84.89
C GLU C 27 65.41 -95.46 -84.14
N ARG C 28 66.56 -95.01 -84.65
CA ARG C 28 67.26 -93.92 -83.98
C ARG C 28 66.49 -92.61 -84.09
N THR C 29 66.02 -92.28 -85.29
CA THR C 29 65.30 -91.00 -85.46
C THR C 29 64.01 -90.99 -84.63
N GLU C 30 63.31 -92.13 -84.55
CA GLU C 30 62.08 -92.13 -83.76
C GLU C 30 62.37 -92.03 -82.27
N ALA C 31 63.49 -92.61 -81.81
CA ALA C 31 63.87 -92.46 -80.41
C ALA C 31 64.24 -91.01 -80.11
N LEU C 32 65.11 -90.43 -80.93
CA LEU C 32 65.45 -89.01 -80.77
C LEU C 32 64.21 -88.13 -80.85
N GLN C 33 63.21 -88.52 -81.65
CA GLN C 33 61.99 -87.71 -81.70
C GLN C 33 61.18 -87.84 -80.42
N GLN C 34 61.18 -89.02 -79.80
CA GLN C 34 60.55 -89.15 -78.48
C GLN C 34 61.27 -88.27 -77.46
N LEU C 35 62.60 -88.19 -77.52
CA LEU C 35 63.34 -87.30 -76.64
C LEU C 35 63.05 -85.84 -76.95
N ARG C 36 62.82 -85.52 -78.22
CA ARG C 36 62.57 -84.13 -78.60
C ARG C 36 61.19 -83.67 -78.13
N VAL C 37 60.18 -84.53 -78.28
CA VAL C 37 58.83 -84.15 -77.85
C VAL C 37 58.75 -84.10 -76.33
N ASN C 38 59.37 -85.07 -75.67
CA ASN C 38 59.37 -85.10 -74.21
C ASN C 38 60.00 -83.83 -73.65
N TYR C 39 61.19 -83.47 -74.13
CA TYR C 39 61.86 -82.27 -73.63
C TYR C 39 61.04 -81.02 -73.92
N GLY C 40 60.35 -80.98 -75.07
CA GLY C 40 59.44 -79.90 -75.34
C GLY C 40 58.36 -79.77 -74.28
N SER C 41 57.78 -80.90 -73.86
CA SER C 41 56.72 -80.84 -72.83
C SER C 41 57.27 -80.38 -71.49
N PHE C 42 58.46 -80.84 -71.11
CA PHE C 42 59.08 -80.42 -69.87
C PHE C 42 59.25 -78.92 -69.80
N VAL C 43 59.69 -78.30 -70.90
CA VAL C 43 59.81 -76.85 -70.95
C VAL C 43 58.45 -76.20 -70.71
N SER C 44 57.46 -76.68 -71.44
CA SER C 44 56.10 -76.11 -71.36
C SER C 44 55.45 -76.37 -70.00
N GLU C 45 55.66 -77.53 -69.40
CA GLU C 45 55.06 -77.81 -68.07
C GLU C 45 55.79 -77.00 -67.01
N TYR C 46 57.07 -76.74 -67.22
CA TYR C 46 57.82 -75.93 -66.24
C TYR C 46 57.36 -74.47 -66.40
N ASN C 47 57.31 -73.97 -67.62
CA ASN C 47 56.84 -72.59 -67.78
C ASN C 47 55.39 -72.43 -67.31
N ASP C 48 54.56 -73.46 -67.46
CA ASP C 48 53.21 -73.37 -66.92
C ASP C 48 53.23 -73.27 -65.40
N LEU C 49 54.18 -73.94 -64.75
CA LEU C 49 54.28 -73.85 -63.30
C LEU C 49 54.82 -72.48 -62.86
N THR C 50 55.75 -71.90 -63.61
CA THR C 50 56.18 -70.54 -63.31
C THR C 50 55.02 -69.55 -63.45
N LYS C 51 54.23 -69.70 -64.52
CA LYS C 51 53.02 -68.89 -64.67
C LYS C 51 52.08 -69.07 -63.48
N GLU C 52 52.02 -70.30 -62.95
CA GLU C 52 51.11 -70.56 -61.83
C GLU C 52 51.68 -70.00 -60.53
N ALA C 53 52.97 -70.19 -60.29
CA ALA C 53 53.62 -69.58 -59.13
C ALA C 53 53.55 -68.06 -59.17
N ARG C 54 53.66 -67.46 -60.36
CA ARG C 54 53.52 -66.02 -60.49
C ARG C 54 52.11 -65.57 -60.14
N SER C 55 51.11 -66.30 -60.63
CA SER C 55 49.73 -65.98 -60.28
C SER C 55 49.51 -66.02 -58.78
N LEU C 56 50.10 -67.02 -58.10
CA LEU C 56 49.97 -67.13 -56.65
C LEU C 56 50.64 -65.94 -55.95
N SER C 57 51.87 -65.60 -56.37
CA SER C 57 52.56 -64.46 -55.80
C SER C 57 51.76 -63.18 -55.95
N THR C 58 51.18 -62.96 -57.14
CA THR C 58 50.38 -61.76 -57.35
C THR C 58 49.09 -61.80 -56.54
N GLU C 59 48.54 -62.99 -56.28
CA GLU C 59 47.38 -63.05 -55.41
C GLU C 59 47.78 -62.78 -53.96
N LEU C 60 48.94 -63.28 -53.54
CA LEU C 60 49.42 -62.97 -52.20
C LEU C 60 49.72 -61.49 -52.04
N PHE C 61 50.28 -60.86 -53.09
CA PHE C 61 50.60 -59.44 -53.03
C PHE C 61 49.36 -58.60 -52.79
N LYS C 62 48.31 -58.84 -53.58
CA LYS C 62 47.07 -58.09 -53.41
C LYS C 62 46.41 -58.40 -52.06
N LEU C 63 46.54 -59.63 -51.57
CA LEU C 63 45.98 -59.99 -50.27
C LEU C 63 46.72 -59.27 -49.13
N LYS C 64 48.05 -59.21 -49.21
CA LYS C 64 48.83 -58.50 -48.20
C LYS C 64 48.44 -57.03 -48.14
N ASN C 65 48.24 -56.41 -49.29
CA ASN C 65 47.77 -55.02 -49.30
C ASN C 65 46.42 -54.90 -48.63
N ALA C 66 45.52 -55.85 -48.91
CA ALA C 66 44.17 -55.77 -48.35
C ALA C 66 44.17 -56.05 -46.85
N TYR C 67 45.09 -56.88 -46.42
CA TYR C 67 45.11 -57.18 -44.97
C TYR C 67 45.67 -55.99 -44.21
N GLU C 68 46.60 -55.28 -44.85
CA GLU C 68 47.23 -54.13 -44.17
C GLU C 68 46.22 -52.99 -44.11
N GLU C 69 45.43 -52.83 -45.15
CA GLU C 69 44.37 -51.81 -45.13
C GLU C 69 43.40 -52.15 -43.99
N SER C 70 43.04 -53.43 -43.83
CA SER C 70 42.14 -53.84 -42.75
C SER C 70 42.68 -53.44 -41.38
N LEU C 71 43.98 -53.63 -41.16
CA LEU C 71 44.58 -53.22 -39.89
C LEU C 71 44.59 -51.70 -39.74
N GLU C 72 44.71 -50.96 -40.85
CA GLU C 72 44.53 -49.52 -40.81
C GLU C 72 43.13 -49.16 -40.35
N HIS C 73 42.12 -49.77 -40.98
CA HIS C 73 40.73 -49.45 -40.67
C HIS C 73 40.41 -49.76 -39.22
N LEU C 74 40.85 -50.92 -38.73
CA LEU C 74 40.72 -51.25 -37.31
C LEU C 74 41.32 -50.16 -36.45
N GLU C 75 42.47 -49.65 -36.84
CA GLU C 75 43.16 -48.67 -35.99
C GLU C 75 42.32 -47.39 -35.90
N THR C 76 41.79 -46.98 -37.04
CA THR C 76 40.96 -45.76 -37.08
C THR C 76 39.67 -45.98 -36.28
N PHE C 77 39.03 -47.14 -36.41
CA PHE C 77 37.78 -47.37 -35.67
C PHE C 77 38.10 -47.38 -34.18
N LYS C 78 39.20 -47.98 -33.79
CA LYS C 78 39.56 -47.99 -32.38
C LYS C 78 39.71 -46.56 -31.85
N ARG C 79 40.30 -45.67 -32.66
CA ARG C 79 40.47 -44.28 -32.24
C ARG C 79 39.15 -43.51 -32.29
N GLU C 80 38.37 -43.69 -33.35
CA GLU C 80 37.12 -42.95 -33.46
C GLU C 80 36.12 -43.39 -32.39
N ASN C 81 36.19 -44.64 -31.94
CA ASN C 81 35.34 -45.08 -30.84
C ASN C 81 35.82 -44.50 -29.52
N LYS C 82 37.14 -44.34 -29.37
CA LYS C 82 37.67 -43.68 -28.18
C LYS C 82 37.31 -42.20 -28.16
N ASN C 83 37.27 -41.54 -29.33
CA ASN C 83 36.82 -40.15 -29.37
C ASN C 83 35.34 -40.03 -29.02
N LEU C 84 34.53 -41.00 -29.46
CA LEU C 84 33.11 -40.96 -29.18
C LEU C 84 32.84 -41.12 -27.70
N GLN C 85 33.55 -42.05 -27.04
CA GLN C 85 33.49 -42.14 -25.59
C GLN C 85 33.86 -40.82 -24.94
N GLU C 86 34.79 -40.08 -25.53
CA GLU C 86 35.16 -38.76 -25.00
C GLU C 86 34.01 -37.78 -25.12
N GLU C 87 33.32 -37.76 -26.27
CA GLU C 87 32.18 -36.88 -26.44
C GLU C 87 31.05 -37.25 -25.48
N ILE C 88 30.84 -38.56 -25.25
CA ILE C 88 29.83 -39.02 -24.30
C ILE C 88 30.17 -38.52 -22.90
N SER C 89 31.43 -38.64 -22.51
CA SER C 89 31.88 -38.08 -21.25
C SER C 89 31.54 -36.59 -21.17
N ASP C 90 31.83 -35.83 -22.22
CA ASP C 90 31.48 -34.41 -22.23
C ASP C 90 29.98 -34.22 -22.09
N LEU C 91 29.18 -34.95 -22.85
CA LEU C 91 27.72 -34.78 -22.79
C LEU C 91 27.19 -35.17 -21.42
N THR C 92 27.73 -36.20 -20.81
CA THR C 92 27.26 -36.66 -19.49
C THR C 92 27.51 -35.57 -18.47
N GLU C 93 28.67 -34.94 -18.53
CA GLU C 93 29.06 -33.85 -17.62
C GLU C 93 28.08 -32.68 -17.79
N GLN C 94 27.65 -32.41 -19.01
CA GLN C 94 26.82 -31.24 -19.26
C GLN C 94 25.37 -31.49 -18.88
N LEU C 95 24.88 -32.73 -19.05
CA LEU C 95 23.54 -33.02 -18.53
C LEU C 95 23.52 -33.01 -17.01
N GLY C 96 24.61 -33.42 -16.37
CA GLY C 96 24.72 -33.27 -14.92
C GLY C 96 24.53 -31.84 -14.47
N SER C 97 25.28 -30.91 -15.04
CA SER C 97 25.14 -29.51 -14.61
C SER C 97 23.81 -28.91 -15.08
N SER C 98 23.33 -29.27 -16.28
CA SER C 98 22.03 -28.79 -16.73
C SER C 98 20.91 -29.19 -15.78
N GLY C 99 20.93 -30.45 -15.31
CA GLY C 99 19.88 -30.90 -14.42
C GLY C 99 19.92 -30.20 -13.07
N LYS C 100 21.09 -29.76 -12.63
CA LYS C 100 21.21 -28.97 -11.38
C LYS C 100 20.57 -27.59 -11.59
N THR C 101 20.87 -26.94 -12.70
CA THR C 101 20.30 -25.61 -13.04
C THR C 101 18.77 -25.67 -13.12
N ILE C 102 18.24 -26.71 -13.75
CA ILE C 102 16.77 -26.85 -13.88
C ILE C 102 16.19 -27.05 -12.49
N HIS C 103 16.88 -27.82 -11.66
CA HIS C 103 16.34 -28.04 -10.32
C HIS C 103 16.30 -26.76 -9.52
N GLU C 104 17.32 -25.90 -9.66
CA GLU C 104 17.33 -24.61 -8.96
C GLU C 104 16.25 -23.68 -9.50
N LEU C 105 16.15 -23.57 -10.82
CA LEU C 105 15.15 -22.73 -11.46
C LEU C 105 13.72 -23.19 -11.11
N GLU C 106 13.50 -24.50 -10.90
CA GLU C 106 12.19 -24.98 -10.49
C GLU C 106 11.88 -24.61 -9.04
N LYS C 107 12.86 -24.70 -8.14
CA LYS C 107 12.63 -24.23 -6.78
C LYS C 107 12.25 -22.75 -6.78
N VAL C 108 12.95 -21.95 -7.58
CA VAL C 108 12.66 -20.52 -7.65
C VAL C 108 11.26 -20.29 -8.22
N ARG C 109 10.92 -20.98 -9.31
CA ARG C 109 9.60 -20.81 -9.89
C ARG C 109 8.52 -20.98 -8.85
N LYS C 110 8.65 -22.01 -8.01
CA LYS C 110 7.60 -22.38 -7.07
C LYS C 110 7.55 -21.40 -5.90
N GLN C 111 8.73 -20.94 -5.46
CA GLN C 111 8.79 -19.89 -4.45
C GLN C 111 8.13 -18.61 -4.94
N LEU C 112 8.40 -18.20 -6.17
CA LEU C 112 7.82 -16.94 -6.64
C LEU C 112 6.34 -17.08 -6.98
N GLU C 113 5.88 -18.26 -7.41
CA GLU C 113 4.45 -18.46 -7.54
C GLU C 113 3.75 -18.39 -6.20
N ALA C 114 4.37 -18.93 -5.15
CA ALA C 114 3.81 -18.83 -3.80
C ALA C 114 3.74 -17.37 -3.36
N GLU C 115 4.78 -16.59 -3.65
CA GLU C 115 4.79 -15.19 -3.24
C GLU C 115 3.73 -14.37 -3.97
N VAL C 116 3.59 -14.59 -5.28
CA VAL C 116 2.54 -13.93 -6.05
C VAL C 116 1.18 -14.24 -5.44
N GLU C 117 0.99 -15.49 -5.01
CA GLU C 117 -0.29 -15.90 -4.45
C GLU C 117 -0.54 -15.22 -3.12
N ASP C 118 0.49 -15.13 -2.28
CA ASP C 118 0.36 -14.43 -1.00
C ASP C 118 0.07 -12.95 -1.22
N LEU C 119 0.73 -12.35 -2.22
CA LEU C 119 0.53 -10.93 -2.49
C LEU C 119 -0.87 -10.69 -3.01
N GLU C 120 -1.38 -11.57 -3.89
CA GLU C 120 -2.75 -11.42 -4.36
C GLU C 120 -3.74 -11.45 -3.20
N LYS C 121 -3.51 -12.33 -2.21
CA LYS C 121 -4.37 -12.42 -1.02
C LYS C 121 -4.33 -11.14 -0.20
N GLU C 122 -3.14 -10.57 -0.03
CA GLU C 122 -3.05 -9.41 0.82
C GLU C 122 -3.61 -8.18 0.10
N ARG C 123 -3.23 -8.03 -1.17
CA ARG C 123 -3.87 -7.11 -2.10
C ARG C 123 -5.40 -7.10 -1.93
N ASP C 124 -6.04 -8.25 -2.12
CA ASP C 124 -7.49 -8.33 -2.04
C ASP C 124 -8.01 -7.89 -0.67
N PHE C 125 -7.27 -8.23 0.39
CA PHE C 125 -7.75 -7.95 1.73
C PHE C 125 -7.79 -6.44 1.99
N TYR C 126 -6.75 -5.71 1.56
CA TYR C 126 -6.75 -4.26 1.71
C TYR C 126 -7.72 -3.61 0.72
N PHE C 127 -7.76 -4.11 -0.52
CA PHE C 127 -8.71 -3.55 -1.49
C PHE C 127 -10.15 -3.72 -1.03
N GLY C 128 -10.50 -4.90 -0.51
CA GLY C 128 -11.87 -5.08 -0.04
C GLY C 128 -12.24 -4.10 1.05
N LYS C 129 -11.27 -3.73 1.88
CA LYS C 129 -11.53 -2.71 2.88
C LYS C 129 -11.81 -1.36 2.22
N LEU C 130 -11.02 -1.01 1.20
CA LEU C 130 -11.20 0.26 0.51
C LEU C 130 -12.55 0.30 -0.19
N ARG C 131 -12.94 -0.81 -0.81
CA ARG C 131 -14.25 -0.86 -1.45
C ARG C 131 -15.35 -0.69 -0.41
N ASN C 132 -15.18 -1.32 0.74
CA ASN C 132 -16.14 -1.16 1.82
C ASN C 132 -16.23 0.29 2.30
N ILE C 133 -15.09 0.97 2.40
CA ILE C 133 -15.10 2.37 2.78
C ILE C 133 -15.80 3.20 1.72
N GLU C 134 -15.50 2.92 0.45
CA GLU C 134 -16.06 3.70 -0.65
C GLU C 134 -17.59 3.61 -0.67
N LEU C 135 -18.11 2.40 -0.45
CA LEU C 135 -19.56 2.18 -0.39
C LEU C 135 -20.19 2.98 0.75
N ILE C 136 -19.56 2.99 1.93
CA ILE C 136 -20.06 3.82 3.03
C ILE C 136 -20.09 5.29 2.64
N CYS C 137 -19.02 5.77 2.02
CA CYS C 137 -19.03 7.16 1.57
C CYS C 137 -20.12 7.36 0.54
N GLN C 138 -20.26 6.39 -0.36
CA GLN C 138 -21.26 6.44 -1.42
C GLN C 138 -22.66 6.55 -0.84
N GLU C 139 -22.98 5.71 0.13
CA GLU C 139 -24.32 5.70 0.73
C GLU C 139 -24.65 7.01 1.45
N ASN C 140 -23.65 7.84 1.75
CA ASN C 140 -23.85 9.08 2.50
C ASN C 140 -23.49 10.31 1.67
N GLU C 141 -23.46 10.17 0.35
CA GLU C 141 -23.17 11.30 -0.53
C GLU C 141 -24.11 12.48 -0.29
N GLY C 142 -25.32 12.22 0.15
CA GLY C 142 -26.32 13.26 0.34
C GLY C 142 -26.01 14.24 1.44
N GLU C 143 -25.04 13.95 2.31
CA GLU C 143 -24.68 14.89 3.37
C GLU C 143 -23.70 15.96 2.92
N ASN C 144 -23.03 15.79 1.78
CA ASN C 144 -21.98 16.71 1.34
C ASN C 144 -20.95 16.94 2.44
N ASP C 145 -20.68 15.89 3.19
CA ASP C 145 -19.77 15.99 4.31
C ASP C 145 -18.34 16.19 3.81
N PRO C 146 -17.66 17.29 4.16
CA PRO C 146 -16.29 17.47 3.67
C PRO C 146 -15.33 16.40 4.15
N VAL C 147 -15.64 15.73 5.26
CA VAL C 147 -14.73 14.68 5.74
C VAL C 147 -14.79 13.47 4.83
N LEU C 148 -16.00 13.07 4.44
CA LEU C 148 -16.13 11.91 3.56
C LEU C 148 -15.55 12.20 2.19
N GLN C 149 -15.64 13.44 1.75
CA GLN C 149 -15.14 13.87 0.44
C GLN C 149 -13.62 13.76 0.42
N ARG C 150 -12.97 14.15 1.50
CA ARG C 150 -11.52 13.98 1.63
C ARG C 150 -11.15 12.50 1.64
N ILE C 151 -11.94 11.67 2.35
CA ILE C 151 -11.74 10.23 2.31
C ILE C 151 -11.85 9.69 0.88
N VAL C 152 -12.80 10.21 0.10
CA VAL C 152 -12.94 9.73 -1.27
C VAL C 152 -11.76 10.20 -2.13
N ASP C 153 -11.29 11.42 -1.89
CA ASP C 153 -10.10 11.94 -2.60
C ASP C 153 -8.91 11.01 -2.30
N ILE C 154 -8.77 10.56 -1.07
CA ILE C 154 -7.71 9.59 -0.71
C ILE C 154 -7.87 8.32 -1.53
N LEU C 155 -9.07 7.77 -1.55
CA LEU C 155 -9.40 6.55 -2.30
C LEU C 155 -8.95 6.68 -3.75
N TYR C 156 -9.14 7.84 -4.39
CA TYR C 156 -8.87 7.98 -5.82
C TYR C 156 -7.53 8.63 -6.15
N ALA C 157 -6.74 8.95 -5.15
CA ALA C 157 -5.41 9.53 -5.38
C ALA C 157 -4.53 8.53 -6.17
N THR C 158 -3.73 9.04 -7.08
CA THR C 158 -2.89 8.12 -7.85
C THR C 158 -1.43 8.35 -7.56
N ASP C 159 -0.61 7.39 -8.00
CA ASP C 159 0.86 7.49 -7.93
C ASP C 159 1.32 8.68 -8.76
N GLY D 4 71.78 -75.87 -63.42
CA GLY D 4 70.66 -75.57 -64.29
C GLY D 4 70.60 -76.40 -65.57
N PRO D 5 69.40 -76.85 -65.93
CA PRO D 5 69.24 -77.71 -67.11
C PRO D 5 69.52 -76.98 -68.41
N LEU D 6 69.56 -77.77 -69.49
CA LEU D 6 69.91 -77.28 -70.82
C LEU D 6 68.72 -76.63 -71.51
N LYS D 7 69.02 -75.58 -72.29
CA LYS D 7 68.02 -74.88 -73.09
C LYS D 7 67.65 -75.68 -74.34
N PRO D 8 66.46 -75.46 -74.90
CA PRO D 8 65.98 -76.34 -75.98
C PRO D 8 66.86 -76.36 -77.22
N GLU D 9 67.72 -75.37 -77.41
CA GLU D 9 68.67 -75.45 -78.52
C GLU D 9 69.87 -76.32 -78.16
N GLU D 10 70.39 -76.21 -76.94
CA GLU D 10 71.53 -77.02 -76.53
C GLU D 10 71.16 -78.50 -76.46
N HIS D 11 69.96 -78.80 -75.96
CA HIS D 11 69.46 -80.17 -75.97
C HIS D 11 69.33 -80.68 -77.40
N GLU D 12 68.97 -79.81 -78.33
CA GLU D 12 68.77 -80.26 -79.70
C GLU D 12 70.09 -80.54 -80.39
N ASP D 13 71.16 -79.83 -80.01
CA ASP D 13 72.48 -80.12 -80.57
C ASP D 13 72.94 -81.51 -80.19
N ILE D 14 72.68 -81.93 -78.94
CA ILE D 14 73.05 -83.28 -78.51
C ILE D 14 72.30 -84.32 -79.32
N LEU D 15 70.99 -84.14 -79.52
CA LEU D 15 70.24 -85.06 -80.36
C LEU D 15 70.78 -85.08 -81.79
N ASN D 16 71.20 -83.92 -82.29
CA ASN D 16 71.70 -83.86 -83.65
C ASN D 16 73.01 -84.62 -83.81
N LYS D 17 73.92 -84.50 -82.84
CA LYS D 17 75.15 -85.27 -82.87
C LYS D 17 74.90 -86.77 -82.81
N LEU D 18 73.85 -87.16 -82.08
CA LEU D 18 73.49 -88.58 -81.89
C LEU D 18 72.99 -89.16 -83.21
N LEU D 19 72.58 -88.30 -84.13
CA LEU D 19 72.08 -88.75 -85.45
C LEU D 19 73.21 -89.38 -86.30
N ASP D 20 74.49 -89.06 -86.06
CA ASP D 20 75.66 -89.58 -86.82
C ASP D 20 75.94 -91.04 -86.48
N PRO D 21 75.71 -92.01 -87.39
CA PRO D 21 75.98 -93.42 -87.14
C PRO D 21 77.48 -93.69 -86.98
N GLU D 22 78.29 -92.84 -87.56
CA GLU D 22 79.73 -93.01 -87.44
C GLU D 22 80.31 -92.28 -86.24
N LEU D 23 79.47 -91.70 -85.40
CA LEU D 23 79.94 -91.09 -84.17
C LEU D 23 80.68 -92.12 -83.31
N ALA D 24 81.80 -91.70 -82.73
CA ALA D 24 82.61 -92.59 -81.90
C ALA D 24 81.79 -93.07 -80.69
N GLN D 25 82.08 -94.30 -80.26
CA GLN D 25 81.30 -94.88 -79.16
C GLN D 25 81.55 -94.14 -77.85
N SER D 26 82.74 -93.56 -77.68
CA SER D 26 83.00 -92.79 -76.45
C SER D 26 82.19 -91.50 -76.44
N GLU D 27 82.14 -90.78 -77.57
CA GLU D 27 81.34 -89.56 -77.63
C GLU D 27 79.85 -89.85 -77.55
N ARG D 28 79.40 -90.91 -78.20
CA ARG D 28 77.99 -91.29 -78.14
C ARG D 28 77.57 -91.67 -76.73
N THR D 29 78.45 -92.36 -76.00
CA THR D 29 78.15 -92.72 -74.62
C THR D 29 78.12 -91.48 -73.72
N GLU D 30 79.15 -90.64 -73.82
CA GLU D 30 79.19 -89.44 -72.97
C GLU D 30 78.09 -88.45 -73.34
N ALA D 31 77.67 -88.40 -74.61
CA ALA D 31 76.56 -87.52 -74.96
C ALA D 31 75.25 -88.01 -74.37
N LEU D 32 75.09 -89.33 -74.24
CA LEU D 32 73.87 -89.87 -73.66
C LEU D 32 73.84 -89.68 -72.14
N GLN D 33 74.98 -89.88 -71.48
CA GLN D 33 75.05 -89.65 -70.04
C GLN D 33 74.79 -88.18 -69.71
N GLN D 34 75.16 -87.28 -70.63
CA GLN D 34 74.85 -85.87 -70.49
C GLN D 34 73.35 -85.64 -70.38
N LEU D 35 72.56 -86.31 -71.24
CA LEU D 35 71.11 -86.20 -71.15
C LEU D 35 70.56 -86.88 -69.89
N ARG D 36 71.21 -87.96 -69.45
CA ARG D 36 70.84 -88.64 -68.23
C ARG D 36 70.97 -87.73 -67.02
N VAL D 37 72.13 -87.07 -66.87
CA VAL D 37 72.32 -86.11 -65.79
C VAL D 37 71.35 -84.94 -65.95
N ASN D 38 71.16 -84.47 -67.19
CA ASN D 38 70.32 -83.29 -67.42
C ASN D 38 68.87 -83.55 -67.00
N TYR D 39 68.33 -84.71 -67.38
CA TYR D 39 66.96 -85.06 -67.00
C TYR D 39 66.81 -85.07 -65.49
N GLY D 40 67.83 -85.55 -64.77
CA GLY D 40 67.78 -85.54 -63.32
C GLY D 40 67.70 -84.14 -62.75
N SER D 41 68.48 -83.21 -63.30
CA SER D 41 68.45 -81.83 -62.81
C SER D 41 67.22 -81.07 -63.30
N PHE D 42 66.52 -81.57 -64.32
CA PHE D 42 65.27 -80.93 -64.71
C PHE D 42 64.13 -81.34 -63.77
N VAL D 43 64.05 -82.63 -63.45
CA VAL D 43 63.09 -83.10 -62.46
C VAL D 43 63.29 -82.37 -61.14
N SER D 44 64.54 -82.21 -60.70
CA SER D 44 64.77 -81.54 -59.43
C SER D 44 64.44 -80.05 -59.49
N GLU D 45 64.65 -79.42 -60.65
CA GLU D 45 64.29 -78.01 -60.75
C GLU D 45 62.77 -77.83 -60.73
N TYR D 46 62.04 -78.69 -61.42
CA TYR D 46 60.59 -78.67 -61.37
C TYR D 46 60.07 -78.93 -59.96
N ASN D 47 60.76 -79.81 -59.21
CA ASN D 47 60.37 -80.10 -57.83
C ASN D 47 60.59 -78.88 -56.93
N ASP D 48 61.67 -78.13 -57.16
CA ASP D 48 61.90 -76.90 -56.41
C ASP D 48 60.82 -75.87 -56.71
N LEU D 49 60.36 -75.81 -57.96
CA LEU D 49 59.25 -74.95 -58.29
C LEU D 49 57.98 -75.39 -57.56
N THR D 50 57.75 -76.69 -57.48
CA THR D 50 56.58 -77.20 -56.79
C THR D 50 56.62 -76.83 -55.31
N LYS D 51 57.80 -76.96 -54.69
CA LYS D 51 57.93 -76.58 -53.29
C LYS D 51 57.60 -75.11 -53.08
N GLU D 52 57.98 -74.27 -54.04
CA GLU D 52 57.73 -72.83 -53.90
C GLU D 52 56.25 -72.50 -54.09
N ALA D 53 55.59 -73.15 -55.07
CA ALA D 53 54.16 -72.91 -55.21
C ALA D 53 53.39 -73.43 -54.00
N ARG D 54 53.83 -74.57 -53.45
CA ARG D 54 53.17 -75.13 -52.27
C ARG D 54 53.28 -74.21 -51.08
N SER D 55 54.45 -73.59 -50.89
CA SER D 55 54.59 -72.67 -49.76
C SER D 55 53.84 -71.37 -50.01
N LEU D 56 53.75 -70.93 -51.27
CA LEU D 56 52.91 -69.77 -51.55
C LEU D 56 51.45 -70.06 -51.23
N SER D 57 50.99 -71.27 -51.55
CA SER D 57 49.59 -71.64 -51.29
C SER D 57 49.30 -71.61 -49.78
N THR D 58 50.21 -72.15 -48.99
CA THR D 58 50.08 -72.20 -47.52
C THR D 58 50.02 -70.79 -46.95
N GLU D 59 50.89 -69.91 -47.41
CA GLU D 59 50.88 -68.52 -46.93
C GLU D 59 49.52 -67.91 -47.25
N LEU D 60 49.03 -68.09 -48.48
CA LEU D 60 47.72 -67.57 -48.85
C LEU D 60 46.62 -68.11 -47.93
N PHE D 61 46.65 -69.40 -47.63
CA PHE D 61 45.67 -69.98 -46.72
C PHE D 61 45.73 -69.28 -45.37
N LYS D 62 46.93 -69.22 -44.78
CA LYS D 62 47.05 -68.60 -43.47
C LYS D 62 46.76 -67.11 -43.52
N LEU D 63 47.14 -66.43 -44.62
CA LEU D 63 46.89 -64.99 -44.69
C LEU D 63 45.41 -64.68 -44.84
N LYS D 64 44.65 -65.49 -45.57
CA LYS D 64 43.25 -65.11 -45.72
C LYS D 64 42.39 -65.54 -44.53
N ASN D 65 42.82 -66.55 -43.77
CA ASN D 65 42.23 -66.76 -42.45
C ASN D 65 42.41 -65.52 -41.59
N ALA D 66 43.64 -65.00 -41.52
CA ALA D 66 43.91 -63.80 -40.75
C ALA D 66 43.10 -62.62 -41.26
N TYR D 67 43.04 -62.46 -42.59
CA TYR D 67 42.28 -61.36 -43.15
C TYR D 67 40.80 -61.47 -42.78
N GLU D 68 40.26 -62.69 -42.81
CA GLU D 68 38.88 -62.92 -42.39
C GLU D 68 38.67 -62.57 -40.92
N GLU D 69 39.59 -62.94 -40.04
CA GLU D 69 39.47 -62.54 -38.64
C GLU D 69 39.44 -61.03 -38.52
N SER D 70 40.31 -60.35 -39.29
CA SER D 70 40.37 -58.89 -39.31
C SER D 70 39.03 -58.29 -39.67
N LEU D 71 38.32 -58.89 -40.62
CA LEU D 71 37.03 -58.31 -41.01
C LEU D 71 35.97 -58.57 -39.95
N GLU D 72 36.05 -59.69 -39.23
CA GLU D 72 35.15 -59.90 -38.10
C GLU D 72 35.42 -58.87 -36.99
N HIS D 73 36.70 -58.63 -36.68
CA HIS D 73 37.04 -57.58 -35.73
C HIS D 73 36.52 -56.23 -36.19
N LEU D 74 36.69 -55.93 -37.48
CA LEU D 74 36.16 -54.70 -38.02
C LEU D 74 34.66 -54.62 -37.80
N GLU D 75 33.96 -55.73 -37.95
CA GLU D 75 32.50 -55.77 -37.76
C GLU D 75 32.14 -55.34 -36.34
N THR D 76 32.89 -55.82 -35.37
CA THR D 76 32.67 -55.51 -33.95
C THR D 76 32.88 -54.02 -33.72
N PHE D 77 33.95 -53.46 -34.25
CA PHE D 77 34.28 -52.02 -34.09
C PHE D 77 33.15 -51.15 -34.65
N LYS D 78 32.62 -51.50 -35.81
CA LYS D 78 31.50 -50.76 -36.41
C LYS D 78 30.22 -50.87 -35.56
N ARG D 79 29.94 -52.04 -34.99
CA ARG D 79 28.77 -52.15 -34.14
C ARG D 79 28.89 -51.23 -32.93
N GLU D 80 30.06 -51.26 -32.26
CA GLU D 80 30.29 -50.35 -31.16
C GLU D 80 30.22 -48.90 -31.62
N ASN D 81 30.79 -48.61 -32.80
CA ASN D 81 30.72 -47.27 -33.34
C ASN D 81 29.28 -46.81 -33.51
N LYS D 82 28.41 -47.70 -34.00
CA LYS D 82 27.02 -47.32 -34.21
C LYS D 82 26.30 -47.15 -32.88
N ASN D 83 26.51 -48.06 -31.94
CA ASN D 83 25.92 -47.92 -30.62
C ASN D 83 26.35 -46.62 -29.94
N LEU D 84 27.61 -46.20 -30.14
CA LEU D 84 28.09 -45.00 -29.47
C LEU D 84 27.48 -43.75 -30.11
N GLN D 85 27.37 -43.74 -31.44
CA GLN D 85 26.73 -42.62 -32.13
C GLN D 85 25.26 -42.50 -31.75
N GLU D 86 24.58 -43.64 -31.57
CA GLU D 86 23.19 -43.58 -31.10
C GLU D 86 23.09 -42.94 -29.73
N GLU D 87 23.97 -43.33 -28.80
CA GLU D 87 23.92 -42.71 -27.49
C GLU D 87 24.17 -41.21 -27.58
N ILE D 88 25.09 -40.83 -28.45
CA ILE D 88 25.46 -39.41 -28.62
C ILE D 88 24.22 -38.65 -29.10
N SER D 89 23.48 -39.20 -30.03
CA SER D 89 22.30 -38.49 -30.54
C SER D 89 21.23 -38.40 -29.46
N ASP D 90 21.10 -39.40 -28.60
CA ASP D 90 20.14 -39.30 -27.48
C ASP D 90 20.60 -38.25 -26.47
N LEU D 91 21.88 -38.23 -26.11
CA LEU D 91 22.41 -37.25 -25.16
C LEU D 91 22.35 -35.85 -25.74
N THR D 92 22.64 -35.72 -27.04
CA THR D 92 22.50 -34.42 -27.69
C THR D 92 21.06 -33.95 -27.63
N GLU D 93 20.10 -34.85 -27.82
CA GLU D 93 18.69 -34.48 -27.72
C GLU D 93 18.34 -34.02 -26.32
N GLN D 94 18.63 -34.86 -25.32
CA GLN D 94 18.30 -34.48 -23.96
C GLN D 94 18.96 -33.18 -23.56
N LEU D 95 20.17 -32.90 -24.09
CA LEU D 95 20.88 -31.68 -23.72
C LEU D 95 20.25 -30.48 -24.41
N GLY D 96 19.89 -30.63 -25.69
CA GLY D 96 19.20 -29.55 -26.38
C GLY D 96 17.87 -29.24 -25.74
N SER D 97 17.11 -30.26 -25.36
CA SER D 97 15.84 -29.96 -24.73
C SER D 97 16.06 -29.37 -23.33
N SER D 98 17.02 -29.91 -22.56
CA SER D 98 17.22 -29.33 -21.24
C SER D 98 17.76 -27.90 -21.33
N GLY D 99 18.51 -27.57 -22.38
CA GLY D 99 18.84 -26.17 -22.61
C GLY D 99 17.60 -25.34 -22.90
N LYS D 100 16.64 -25.94 -23.59
CA LYS D 100 15.41 -25.22 -23.94
C LYS D 100 14.55 -25.00 -22.71
N THR D 101 14.44 -25.99 -21.81
CA THR D 101 13.63 -25.77 -20.62
C THR D 101 14.34 -24.84 -19.63
N ILE D 102 15.68 -24.82 -19.62
CA ILE D 102 16.37 -23.78 -18.85
C ILE D 102 15.98 -22.41 -19.36
N HIS D 103 16.05 -22.23 -20.69
CA HIS D 103 15.68 -20.96 -21.31
C HIS D 103 14.24 -20.58 -20.94
N GLU D 104 13.31 -21.52 -21.04
CA GLU D 104 11.92 -21.26 -20.65
C GLU D 104 11.82 -20.93 -19.17
N LEU D 105 12.53 -21.66 -18.31
CA LEU D 105 12.45 -21.37 -16.89
C LEU D 105 13.03 -20.00 -16.55
N GLU D 106 14.04 -19.56 -17.30
CA GLU D 106 14.57 -18.21 -17.07
C GLU D 106 13.53 -17.16 -17.47
N LYS D 107 12.76 -17.42 -18.51
CA LYS D 107 11.76 -16.45 -18.92
C LYS D 107 10.63 -16.40 -17.90
N VAL D 108 10.23 -17.57 -17.41
CA VAL D 108 9.20 -17.66 -16.37
C VAL D 108 9.64 -16.88 -15.14
N ARG D 109 10.91 -16.99 -14.77
CA ARG D 109 11.42 -16.29 -13.60
C ARG D 109 11.39 -14.78 -13.82
N LYS D 110 11.88 -14.31 -14.96
CA LYS D 110 11.84 -12.87 -15.21
C LYS D 110 10.40 -12.37 -15.17
N GLN D 111 9.47 -13.16 -15.69
CA GLN D 111 8.08 -12.76 -15.70
C GLN D 111 7.52 -12.73 -14.28
N LEU D 112 7.86 -13.75 -13.47
CA LEU D 112 7.37 -13.81 -12.10
C LEU D 112 7.93 -12.66 -11.26
N GLU D 113 9.17 -12.26 -11.52
CA GLU D 113 9.77 -11.15 -10.77
C GLU D 113 9.11 -9.83 -11.10
N ALA D 114 8.74 -9.62 -12.37
CA ALA D 114 8.02 -8.40 -12.71
C ALA D 114 6.64 -8.38 -12.03
N GLU D 115 6.01 -9.57 -11.87
CA GLU D 115 4.70 -9.60 -11.21
C GLU D 115 4.81 -9.34 -9.72
N VAL D 116 5.83 -9.92 -9.06
CA VAL D 116 6.05 -9.62 -7.64
C VAL D 116 6.26 -8.13 -7.43
N GLU D 117 7.00 -7.47 -8.34
CA GLU D 117 7.20 -6.04 -8.20
C GLU D 117 5.87 -5.29 -8.27
N ASP D 118 5.07 -5.60 -9.28
CA ASP D 118 3.80 -4.90 -9.46
C ASP D 118 2.88 -5.14 -8.27
N LEU D 119 2.81 -6.39 -7.83
CA LEU D 119 1.90 -6.79 -6.77
C LEU D 119 2.33 -6.20 -5.42
N GLU D 120 3.63 -6.22 -5.12
CA GLU D 120 4.09 -5.53 -3.91
C GLU D 120 3.81 -4.02 -3.98
N LYS D 121 4.03 -3.41 -5.14
CA LYS D 121 3.73 -1.98 -5.25
C LYS D 121 2.24 -1.73 -5.12
N GLU D 122 1.40 -2.65 -5.62
CA GLU D 122 -0.04 -2.46 -5.53
C GLU D 122 -0.51 -2.60 -4.09
N ARG D 123 0.02 -3.61 -3.40
CA ARG D 123 -0.30 -3.85 -2.00
C ARG D 123 0.12 -2.67 -1.12
N ASP D 124 1.36 -2.18 -1.31
CA ASP D 124 1.82 -0.95 -0.63
C ASP D 124 0.84 0.21 -0.83
N PHE D 125 0.45 0.41 -2.09
CA PHE D 125 -0.39 1.55 -2.46
C PHE D 125 -1.70 1.53 -1.68
N TYR D 126 -2.34 0.35 -1.61
CA TYR D 126 -3.59 0.26 -0.89
C TYR D 126 -3.37 0.36 0.61
N PHE D 127 -2.26 -0.15 1.11
CA PHE D 127 -2.01 -0.08 2.54
C PHE D 127 -1.83 1.36 2.98
N GLY D 128 -1.20 2.18 2.14
CA GLY D 128 -1.03 3.58 2.50
C GLY D 128 -2.36 4.29 2.56
N LYS D 129 -3.27 3.95 1.65
CA LYS D 129 -4.57 4.61 1.64
C LYS D 129 -5.32 4.37 2.94
N LEU D 130 -5.30 3.12 3.40
CA LEU D 130 -5.93 2.78 4.68
C LEU D 130 -5.33 3.60 5.80
N ARG D 131 -3.99 3.67 5.85
CA ARG D 131 -3.32 4.52 6.83
C ARG D 131 -3.81 5.95 6.76
N ASN D 132 -3.93 6.50 5.54
CA ASN D 132 -4.30 7.91 5.42
C ASN D 132 -5.76 8.13 5.84
N ILE D 133 -6.62 7.15 5.60
CA ILE D 133 -8.03 7.28 5.98
C ILE D 133 -8.14 7.17 7.49
N GLU D 134 -7.36 6.29 8.10
CA GLU D 134 -7.33 6.19 9.55
C GLU D 134 -6.98 7.53 10.20
N LEU D 135 -6.01 8.27 9.62
CA LEU D 135 -5.63 9.54 10.24
C LEU D 135 -6.75 10.56 10.14
N ILE D 136 -7.57 10.49 9.09
CA ILE D 136 -8.70 11.41 8.98
C ILE D 136 -9.78 11.06 10.00
N CYS D 137 -10.00 9.76 10.24
CA CYS D 137 -10.94 9.37 11.27
C CYS D 137 -10.44 9.79 12.65
N GLN D 138 -9.15 9.57 12.93
CA GLN D 138 -8.56 10.04 14.18
C GLN D 138 -8.76 11.52 14.34
N GLU D 139 -8.47 12.29 13.29
CA GLU D 139 -8.56 13.75 13.35
C GLU D 139 -9.95 14.20 13.75
N ASN D 140 -10.98 13.45 13.35
CA ASN D 140 -12.37 13.86 13.47
C ASN D 140 -13.13 13.05 14.51
N GLU D 141 -12.46 12.38 15.39
CA GLU D 141 -13.05 11.57 16.44
C GLU D 141 -14.07 12.32 17.26
N GLY D 142 -13.84 13.58 17.47
CA GLY D 142 -14.71 14.39 18.32
C GLY D 142 -16.12 14.60 17.78
N GLU D 143 -16.31 14.41 16.47
CA GLU D 143 -17.66 14.49 15.91
C GLU D 143 -18.57 13.40 16.44
N ASN D 144 -18.01 12.25 16.81
CA ASN D 144 -18.81 11.09 17.18
C ASN D 144 -19.76 10.72 16.04
N ASP D 145 -19.22 10.78 14.83
CA ASP D 145 -20.01 10.54 13.65
C ASP D 145 -20.23 9.03 13.48
N PRO D 146 -21.46 8.54 13.50
CA PRO D 146 -21.68 7.11 13.27
C PRO D 146 -21.10 6.62 11.95
N VAL D 147 -21.06 7.49 10.94
CA VAL D 147 -20.54 7.09 9.63
C VAL D 147 -19.03 6.86 9.70
N LEU D 148 -18.29 7.75 10.37
CA LEU D 148 -16.87 7.50 10.55
C LEU D 148 -16.63 6.26 11.38
N GLN D 149 -17.53 5.99 12.34
CA GLN D 149 -17.37 4.78 13.14
C GLN D 149 -17.51 3.54 12.28
N ARG D 150 -18.42 3.54 11.30
CA ARG D 150 -18.50 2.42 10.38
C ARG D 150 -17.17 2.21 9.66
N ILE D 151 -16.54 3.30 9.19
CA ILE D 151 -15.27 3.20 8.49
C ILE D 151 -14.17 2.69 9.42
N VAL D 152 -14.16 3.16 10.67
CA VAL D 152 -13.18 2.70 11.65
C VAL D 152 -13.32 1.21 11.89
N ASP D 153 -14.56 0.72 12.03
CA ASP D 153 -14.79 -0.72 12.18
C ASP D 153 -14.20 -1.51 11.00
N ILE D 154 -14.33 -1.00 9.78
CA ILE D 154 -13.73 -1.67 8.64
C ILE D 154 -12.21 -1.66 8.74
N LEU D 155 -11.64 -0.49 9.09
CA LEU D 155 -10.19 -0.31 9.15
C LEU D 155 -9.51 -1.33 10.06
N TYR D 156 -10.10 -1.60 11.23
CA TYR D 156 -9.48 -2.44 12.24
C TYR D 156 -9.91 -3.91 12.15
N ALA D 157 -10.88 -4.24 11.32
CA ALA D 157 -11.38 -5.60 11.20
C ALA D 157 -10.28 -6.55 10.71
N THR D 158 -10.51 -7.84 10.96
CA THR D 158 -9.65 -8.91 10.45
C THR D 158 -10.50 -9.92 9.70
N ASP D 159 -11.14 -9.45 8.63
CA ASP D 159 -12.10 -10.25 7.87
C ASP D 159 -11.52 -11.55 7.29
#